data_8PJP
#
_entry.id   8PJP
#
_cell.length_a   1.00
_cell.length_b   1.00
_cell.length_c   1.00
_cell.angle_alpha   90.00
_cell.angle_beta   90.00
_cell.angle_gamma   90.00
#
_symmetry.space_group_name_H-M   'P 1'
#
loop_
_entity.id
_entity.type
_entity.pdbx_description
1 polymer Pilin
2 polymer 'Nanobody F10'
3 non-polymer SN-GLYCEROL-3-PHOSPHATE
4 non-polymer (2~{R})-~{N}-[(2~{R},3~{S},4~{S},5~{R},6~{R})-5-acetamido-2-methyl-4,6-bis(oxidanyl)oxan-3-yl]-2,3-bis(oxidanyl)propanamide
#
loop_
_entity_poly.entity_id
_entity_poly.type
_entity_poly.pdbx_seq_one_letter_code
_entity_poly.pdbx_strand_id
1 'polypeptide(L)'
;FTLIELMIVIAIVGILAAVALPAYQDYTARAQVSEAILLAEGQKSAVTEYYLNHGEWPGDNSSAGVATSADIKGKYVQSV
TVANGVITAQMASSNVNNEIKSKKLSLWAKRQNGSVKWFCGQPVTRTTATATDVAAANGKTDDKINTKHLPSTCRDDSSA
S
;
A
2 'polypeptide(L)'
;MAQLQLVESGGGLVQPGGSLRLSCAASGFTLDQYAIGWFRQAPGKEREGVSCISSRGGATNYAHSVKGRFTISRDNAKNT
VYLQMNSLKPEDTAVYYCAAGVYTIVTGTGPEDGMDYWGKGTLVTVSSEPKTPKPQPAAALEHHHHHH
;
C
#
# COMPACT_ATOMS: atom_id res chain seq x y z
N PHE A 1 62.86 -1.09 34.83
CA PHE A 1 62.38 -0.49 33.60
C PHE A 1 63.05 0.86 33.35
N THR A 2 62.73 1.48 32.23
CA THR A 2 63.30 2.76 31.85
C THR A 2 62.18 3.65 31.31
N LEU A 3 62.56 4.79 30.73
CA LEU A 3 61.57 5.74 30.22
C LEU A 3 60.91 5.23 28.94
N ILE A 4 61.63 4.43 28.15
CA ILE A 4 61.07 3.89 26.91
C ILE A 4 59.88 2.99 27.21
N GLU A 5 59.99 2.18 28.26
CA GLU A 5 58.88 1.31 28.64
C GLU A 5 57.66 2.13 29.05
N LEU A 6 57.87 3.22 29.79
CA LEU A 6 56.76 4.08 30.18
C LEU A 6 56.11 4.74 28.97
N MET A 7 56.92 5.18 28.01
CA MET A 7 56.36 5.77 26.80
C MET A 7 55.55 4.74 26.01
N ILE A 8 56.05 3.50 25.93
CA ILE A 8 55.31 2.44 25.24
C ILE A 8 53.99 2.16 25.98
N VAL A 9 54.02 2.19 27.31
CA VAL A 9 52.81 1.97 28.10
C VAL A 9 51.79 3.06 27.81
N ILE A 10 52.24 4.31 27.74
CA ILE A 10 51.33 5.42 27.43
C ILE A 10 50.75 5.26 26.04
N ALA A 11 51.58 4.86 25.08
CA ALA A 11 51.08 4.65 23.72
C ALA A 11 50.04 3.54 23.67
N ILE A 12 50.27 2.46 24.40
CA ILE A 12 49.30 1.35 24.43
C ILE A 12 48.01 1.80 25.10
N VAL A 13 48.12 2.63 26.13
CA VAL A 13 46.92 3.18 26.78
C VAL A 13 46.12 4.01 25.79
N GLY A 14 46.79 4.85 25.00
CA GLY A 14 46.10 5.62 23.99
C GLY A 14 45.46 4.74 22.93
N ILE A 15 46.16 3.68 22.52
CA ILE A 15 45.62 2.75 21.53
C ILE A 15 44.33 2.11 22.04
N LEU A 16 44.36 1.68 23.31
CA LEU A 16 43.17 1.08 23.90
C LEU A 16 42.04 2.10 24.02
N ALA A 17 42.37 3.35 24.37
CA ALA A 17 41.35 4.37 24.54
C ALA A 17 40.77 4.84 23.21
N ALA A 18 41.45 4.58 22.09
CA ALA A 18 40.98 4.99 20.77
C ALA A 18 40.65 3.77 19.91
N VAL A 19 39.98 2.79 20.49
CA VAL A 19 39.63 1.56 19.78
C VAL A 19 38.27 1.73 19.11
N ALA A 20 37.99 0.86 18.14
CA ALA A 20 36.74 0.88 17.42
C ALA A 20 35.70 -0.02 18.08
N LEU A 21 34.46 0.08 17.61
CA LEU A 21 33.36 -0.68 18.17
C LEU A 21 32.59 -1.40 17.06
N PRO A 22 31.94 -2.51 17.39
CA PRO A 22 31.09 -3.19 16.40
C PRO A 22 29.82 -2.40 16.11
N ALA A 23 28.95 -2.95 15.25
CA ALA A 23 27.72 -2.27 14.84
C ALA A 23 26.60 -2.69 15.79
N TYR A 24 26.45 -1.93 16.88
CA TYR A 24 25.33 -2.14 17.79
C TYR A 24 24.04 -1.49 17.30
N GLN A 25 24.14 -0.60 16.31
CA GLN A 25 22.96 0.05 15.77
C GLN A 25 22.02 -0.96 15.13
N ASP A 26 22.56 -2.01 14.51
CA ASP A 26 21.71 -3.05 13.93
C ASP A 26 20.92 -3.78 15.01
N TYR A 27 21.57 -4.08 16.13
CA TYR A 27 20.86 -4.74 17.23
C TYR A 27 19.79 -3.84 17.83
N THR A 28 20.10 -2.55 18.00
CA THR A 28 19.09 -1.62 18.50
C THR A 28 17.92 -1.51 17.52
N ALA A 29 18.22 -1.50 16.22
CA ALA A 29 17.16 -1.45 15.22
C ALA A 29 16.28 -2.69 15.28
N ARG A 30 16.89 -3.86 15.48
CA ARG A 30 16.10 -5.09 15.63
C ARG A 30 15.20 -5.00 16.85
N ALA A 31 15.74 -4.50 17.97
CA ALA A 31 14.95 -4.37 19.18
C ALA A 31 13.77 -3.43 18.97
N GLN A 32 13.98 -2.34 18.22
CA GLN A 32 12.89 -1.41 17.96
C GLN A 32 11.87 -1.98 16.99
N VAL A 33 12.32 -2.73 15.99
CA VAL A 33 11.41 -3.34 15.01
C VAL A 33 10.57 -4.43 15.65
N SER A 34 11.07 -5.04 16.73
CA SER A 34 10.27 -6.01 17.46
C SER A 34 8.94 -5.41 17.91
N GLU A 35 8.94 -4.13 18.30
CA GLU A 35 7.70 -3.48 18.71
C GLU A 35 6.72 -3.40 17.56
N ALA A 36 7.19 -3.05 16.36
CA ALA A 36 6.29 -3.00 15.21
C ALA A 36 5.76 -4.39 14.87
N ILE A 37 6.60 -5.42 14.99
CA ILE A 37 6.14 -6.78 14.74
C ILE A 37 5.02 -7.14 15.72
N LEU A 38 5.22 -6.83 17.00
CA LEU A 38 4.20 -7.11 18.00
C LEU A 38 2.92 -6.34 17.72
N LEU A 39 3.03 -5.08 17.33
CA LEU A 39 1.84 -4.28 17.04
C LEU A 39 1.08 -4.83 15.84
N ALA A 40 1.79 -5.23 14.78
CA ALA A 40 1.14 -5.76 13.59
C ALA A 40 0.58 -7.15 13.81
N GLU A 41 1.11 -7.90 14.78
CA GLU A 41 0.58 -9.24 15.05
C GLU A 41 -0.83 -9.22 15.63
N GLY A 42 -1.27 -8.09 16.17
CA GLY A 42 -2.57 -8.00 16.82
C GLY A 42 -3.76 -7.88 15.89
N GLN A 43 -3.54 -7.58 14.62
CA GLN A 43 -4.62 -7.42 13.65
C GLN A 43 -4.95 -8.71 12.90
N LYS A 44 -4.32 -9.82 13.24
CA LYS A 44 -4.54 -11.07 12.51
C LYS A 44 -5.96 -11.59 12.71
N SER A 45 -6.49 -11.46 13.93
CA SER A 45 -7.77 -12.08 14.25
C SER A 45 -8.90 -11.52 13.40
N ALA A 46 -8.98 -10.19 13.28
CA ALA A 46 -10.07 -9.57 12.52
C ALA A 46 -9.98 -9.93 11.05
N VAL A 47 -8.78 -9.89 10.48
CA VAL A 47 -8.61 -10.22 9.06
C VAL A 47 -8.99 -11.67 8.80
N THR A 48 -8.52 -12.57 9.66
CA THR A 48 -8.84 -13.99 9.49
C THR A 48 -10.33 -14.24 9.62
N GLU A 49 -10.98 -13.60 10.60
CA GLU A 49 -12.42 -13.78 10.77
C GLU A 49 -13.19 -13.27 9.57
N TYR A 50 -12.82 -12.09 9.05
CA TYR A 50 -13.49 -11.57 7.87
C TYR A 50 -13.31 -12.49 6.66
N TYR A 51 -12.10 -13.00 6.46
CA TYR A 51 -11.86 -13.90 5.34
C TYR A 51 -12.68 -15.18 5.49
N LEU A 52 -12.75 -15.72 6.70
CA LEU A 52 -13.51 -16.96 6.93
C LEU A 52 -15.00 -16.75 6.71
N ASN A 53 -15.54 -15.62 7.18
CA ASN A 53 -16.98 -15.41 7.14
C ASN A 53 -17.47 -14.75 5.85
N HIS A 54 -16.57 -14.27 4.99
CA HIS A 54 -17.00 -13.58 3.77
C HIS A 54 -16.38 -14.12 2.49
N GLY A 55 -15.31 -14.91 2.56
CA GLY A 55 -14.71 -15.49 1.37
C GLY A 55 -13.68 -14.63 0.67
N GLU A 56 -13.44 -13.41 1.15
CA GLU A 56 -12.44 -12.54 0.55
C GLU A 56 -11.78 -11.71 1.64
N TRP A 57 -10.55 -11.27 1.36
CA TRP A 57 -9.78 -10.50 2.32
C TRP A 57 -10.31 -9.06 2.39
N PRO A 58 -10.24 -8.44 3.57
CA PRO A 58 -10.67 -7.04 3.70
C PRO A 58 -9.77 -6.12 2.88
N GLY A 59 -10.37 -5.06 2.36
CA GLY A 59 -9.65 -4.14 1.50
C GLY A 59 -9.11 -2.91 2.21
N ASP A 60 -9.56 -2.67 3.44
CA ASP A 60 -9.13 -1.51 4.20
C ASP A 60 -9.44 -1.74 5.67
N ASN A 61 -8.97 -0.82 6.51
CA ASN A 61 -9.23 -0.93 7.95
C ASN A 61 -10.71 -0.77 8.26
N SER A 62 -11.46 -0.10 7.39
CA SER A 62 -12.86 0.20 7.67
C SER A 62 -13.68 -1.08 7.78
N SER A 63 -13.54 -2.00 6.83
CA SER A 63 -14.30 -3.24 6.89
C SER A 63 -13.43 -4.42 7.31
N ALA A 64 -12.21 -4.15 7.76
CA ALA A 64 -11.46 -5.17 8.48
C ALA A 64 -11.95 -5.31 9.91
N GLY A 65 -12.38 -4.21 10.51
CA GLY A 65 -12.86 -4.21 11.89
C GLY A 65 -11.87 -3.62 12.87
N VAL A 66 -11.01 -2.72 12.38
CA VAL A 66 -9.95 -2.12 13.18
C VAL A 66 -10.03 -0.61 13.04
N ALA A 67 -9.17 0.08 13.79
CA ALA A 67 -9.16 1.52 13.81
C ALA A 67 -8.39 2.08 12.61
N THR A 68 -8.26 3.40 12.58
CA THR A 68 -7.57 4.07 11.49
C THR A 68 -6.07 3.81 11.56
N SER A 69 -5.40 3.98 10.43
CA SER A 69 -3.96 3.70 10.37
C SER A 69 -3.18 4.64 11.28
N ALA A 70 -3.54 5.92 11.31
CA ALA A 70 -2.81 6.89 12.12
C ALA A 70 -3.07 6.73 13.61
N ASP A 71 -4.03 5.91 14.00
CA ASP A 71 -4.35 5.71 15.42
C ASP A 71 -3.61 4.52 16.03
N ILE A 72 -3.15 3.57 15.22
CA ILE A 72 -2.40 2.42 15.73
C ILE A 72 -0.92 2.83 15.71
N LYS A 73 -0.49 3.46 16.80
CA LYS A 73 0.86 3.99 16.90
C LYS A 73 1.47 3.62 18.24
N GLY A 74 2.79 3.57 18.27
CA GLY A 74 3.53 3.28 19.48
C GLY A 74 4.68 4.25 19.71
N LYS A 75 5.67 3.84 20.50
CA LYS A 75 6.81 4.71 20.75
C LYS A 75 7.71 4.80 19.52
N TYR A 76 7.74 3.77 18.68
CA TYR A 76 8.56 3.77 17.48
C TYR A 76 7.78 3.50 16.21
N VAL A 77 6.47 3.27 16.30
CA VAL A 77 5.63 2.99 15.14
C VAL A 77 4.63 4.12 14.98
N GLN A 78 4.46 4.59 13.74
CA GLN A 78 3.58 5.71 13.47
C GLN A 78 2.30 5.36 12.76
N SER A 79 2.23 4.19 12.10
CA SER A 79 1.01 3.81 11.39
C SER A 79 1.05 2.32 11.07
N VAL A 80 -0.12 1.68 11.12
CA VAL A 80 -0.30 0.30 10.69
C VAL A 80 -1.52 0.26 9.77
N THR A 81 -1.34 -0.31 8.57
CA THR A 81 -2.37 -0.28 7.55
C THR A 81 -2.68 -1.69 7.07
N VAL A 82 -3.92 -1.90 6.65
CA VAL A 82 -4.39 -3.17 6.12
C VAL A 82 -4.88 -2.93 4.71
N ALA A 83 -4.37 -3.71 3.76
CA ALA A 83 -4.73 -3.57 2.35
C ALA A 83 -4.78 -4.95 1.71
N ASN A 84 -5.98 -5.40 1.34
CA ASN A 84 -6.18 -6.71 0.71
C ASN A 84 -5.63 -7.84 1.57
N GLY A 85 -5.86 -7.76 2.87
CA GLY A 85 -5.41 -8.79 3.78
C GLY A 85 -3.95 -8.74 4.14
N VAL A 86 -3.25 -7.65 3.81
CA VAL A 86 -1.83 -7.50 4.08
C VAL A 86 -1.64 -6.37 5.08
N ILE A 87 -0.90 -6.64 6.15
CA ILE A 87 -0.68 -5.69 7.23
C ILE A 87 0.71 -5.10 7.08
N THR A 88 0.79 -3.77 7.01
CA THR A 88 2.05 -3.06 6.85
C THR A 88 2.21 -2.03 7.96
N ALA A 89 3.37 -2.02 8.60
CA ALA A 89 3.68 -1.11 9.68
C ALA A 89 4.84 -0.21 9.28
N GLN A 90 4.75 1.07 9.64
CA GLN A 90 5.75 2.07 9.28
C GLN A 90 6.38 2.65 10.53
N MET A 91 7.68 2.96 10.44
CA MET A 91 8.43 3.54 11.53
C MET A 91 8.14 5.03 11.67
N ALA A 92 8.61 5.61 12.77
CA ALA A 92 8.53 7.04 12.96
C ALA A 92 9.63 7.74 12.19
N SER A 93 9.40 9.03 11.89
CA SER A 93 10.34 9.81 11.11
C SER A 93 11.34 10.58 11.96
N SER A 94 11.24 10.51 13.29
CA SER A 94 12.15 11.23 14.17
C SER A 94 12.21 10.52 15.51
N ASN A 95 13.26 10.83 16.27
CA ASN A 95 13.48 10.28 17.61
C ASN A 95 13.56 8.75 17.59
N VAL A 96 14.07 8.19 16.50
CA VAL A 96 14.28 6.75 16.36
C VAL A 96 15.68 6.52 15.80
N ASN A 97 16.02 5.25 15.61
CA ASN A 97 17.31 4.90 15.04
C ASN A 97 17.43 5.41 13.61
N ASN A 98 18.65 5.79 13.24
CA ASN A 98 18.88 6.38 11.93
C ASN A 98 18.65 5.39 10.80
N GLU A 99 18.96 4.11 11.02
CA GLU A 99 18.89 3.13 9.94
C GLU A 99 17.46 2.76 9.59
N ILE A 100 16.54 2.84 10.55
CA ILE A 100 15.17 2.38 10.32
C ILE A 100 14.21 3.56 10.31
N LYS A 101 14.69 4.72 9.87
CA LYS A 101 13.84 5.91 9.82
C LYS A 101 12.88 5.82 8.64
N SER A 102 11.58 5.77 8.93
CA SER A 102 10.52 5.77 7.92
C SER A 102 10.67 4.61 6.95
N LYS A 103 10.56 3.40 7.48
CA LYS A 103 10.66 2.18 6.71
C LYS A 103 9.53 1.23 7.10
N LYS A 104 9.20 0.32 6.18
CA LYS A 104 8.01 -0.50 6.30
C LYS A 104 8.35 -1.99 6.32
N LEU A 105 7.55 -2.75 7.05
CA LEU A 105 7.59 -4.21 7.05
C LEU A 105 6.16 -4.73 6.96
N SER A 106 6.01 -5.96 6.47
CA SER A 106 4.71 -6.48 6.10
C SER A 106 4.49 -7.89 6.65
N LEU A 107 3.21 -8.22 6.82
CA LEU A 107 2.76 -9.56 7.18
C LEU A 107 1.62 -9.96 6.25
N TRP A 108 1.62 -11.23 5.83
CA TRP A 108 0.59 -11.72 4.94
C TRP A 108 0.41 -13.22 5.16
N ALA A 109 -0.74 -13.73 4.71
CA ALA A 109 -1.11 -15.12 4.92
C ALA A 109 -1.56 -15.76 3.62
N LYS A 110 -1.29 -17.06 3.49
CA LYS A 110 -1.72 -17.85 2.36
C LYS A 110 -2.56 -19.03 2.85
N ARG A 111 -3.64 -19.32 2.13
CA ARG A 111 -4.57 -20.36 2.53
C ARG A 111 -4.15 -21.71 1.94
N GLN A 112 -4.14 -22.74 2.77
CA GLN A 112 -3.85 -24.10 2.35
C GLN A 112 -5.11 -24.96 2.47
N ASN A 113 -4.98 -26.23 2.09
CA ASN A 113 -6.13 -27.13 2.12
C ASN A 113 -6.53 -27.51 3.54
N GLY A 114 -5.64 -27.37 4.52
CA GLY A 114 -5.95 -27.77 5.87
C GLY A 114 -5.41 -26.83 6.93
N SER A 115 -4.81 -25.71 6.52
CA SER A 115 -4.24 -24.76 7.46
C SER A 115 -4.12 -23.41 6.78
N VAL A 116 -3.79 -22.40 7.59
CA VAL A 116 -3.51 -21.05 7.11
C VAL A 116 -2.12 -20.66 7.61
N LYS A 117 -1.20 -20.46 6.67
CA LYS A 117 0.18 -20.14 7.00
C LYS A 117 0.40 -18.64 6.95
N TRP A 118 1.19 -18.13 7.89
CA TRP A 118 1.49 -16.71 7.99
C TRP A 118 2.97 -16.46 7.72
N PHE A 119 3.25 -15.37 7.01
CA PHE A 119 4.60 -15.00 6.64
C PHE A 119 4.90 -13.58 7.07
N CYS A 120 6.17 -13.32 7.36
CA CYS A 120 6.62 -12.00 7.80
C CYS A 120 7.91 -11.65 7.08
N GLY A 121 8.04 -10.38 6.68
CA GLY A 121 9.24 -9.96 5.98
C GLY A 121 9.07 -8.60 5.33
N GLN A 122 9.70 -8.45 4.17
CA GLN A 122 9.71 -7.18 3.47
C GLN A 122 8.34 -6.87 2.87
N PRO A 123 8.06 -5.61 2.57
CA PRO A 123 6.70 -5.24 2.12
C PRO A 123 6.28 -5.96 0.85
N VAL A 124 5.00 -6.31 0.80
CA VAL A 124 4.38 -6.94 -0.36
C VAL A 124 3.03 -6.27 -0.59
N THR A 125 2.40 -6.60 -1.71
CA THR A 125 1.09 -6.06 -2.05
C THR A 125 0.27 -7.11 -2.77
N ARG A 126 -1.04 -7.13 -2.50
CA ARG A 126 -1.98 -8.04 -3.13
C ARG A 126 -2.93 -7.24 -4.01
N THR A 127 -3.06 -7.65 -5.27
CA THR A 127 -3.82 -6.86 -6.23
C THR A 127 -5.32 -7.00 -5.99
N THR A 128 -5.85 -8.20 -6.11
CA THR A 128 -7.28 -8.43 -5.96
C THR A 128 -7.59 -9.09 -4.62
N ALA A 129 -8.82 -8.90 -4.16
CA ALA A 129 -9.23 -9.44 -2.86
C ALA A 129 -9.38 -10.96 -2.88
N THR A 130 -9.48 -11.57 -4.05
CA THR A 130 -9.62 -13.01 -4.17
C THR A 130 -8.36 -13.70 -4.66
N ALA A 131 -7.26 -12.97 -4.78
CA ALA A 131 -6.01 -13.55 -5.25
C ALA A 131 -5.36 -14.39 -4.17
N THR A 132 -4.54 -15.35 -4.59
CA THR A 132 -3.76 -16.19 -3.69
C THR A 132 -2.27 -15.99 -3.85
N ASP A 133 -1.84 -14.96 -4.57
CA ASP A 133 -0.43 -14.70 -4.83
C ASP A 133 -0.10 -13.25 -4.49
N VAL A 134 1.14 -13.02 -4.10
CA VAL A 134 1.64 -11.69 -3.75
C VAL A 134 2.93 -11.43 -4.52
N ALA A 135 3.27 -10.15 -4.63
CA ALA A 135 4.48 -9.73 -5.34
C ALA A 135 5.17 -8.65 -4.52
N ALA A 136 6.22 -8.08 -5.07
CA ALA A 136 6.95 -7.02 -4.38
C ALA A 136 6.09 -5.77 -4.26
N ALA A 137 6.40 -4.95 -3.25
CA ALA A 137 5.55 -3.83 -2.91
C ALA A 137 5.54 -2.78 -4.02
N ASN A 138 6.69 -2.17 -4.28
CA ASN A 138 6.77 -1.12 -5.29
C ASN A 138 8.17 -1.09 -5.88
N GLY A 139 8.25 -0.65 -7.13
CA GLY A 139 9.50 -0.47 -7.82
C GLY A 139 10.00 0.95 -7.90
N LYS A 140 9.26 1.91 -7.34
CA LYS A 140 9.60 3.32 -7.38
C LYS A 140 9.66 3.90 -5.98
N THR A 141 10.16 3.12 -5.02
CA THR A 141 10.27 3.58 -3.64
C THR A 141 11.44 2.88 -2.97
N ASP A 142 11.91 3.46 -1.87
CA ASP A 142 13.03 2.91 -1.10
C ASP A 142 12.65 2.69 0.36
N ASP A 143 11.35 2.58 0.66
CA ASP A 143 10.88 2.37 2.03
C ASP A 143 10.78 0.88 2.32
N LYS A 144 11.95 0.24 2.41
CA LYS A 144 12.05 -1.18 2.71
C LYS A 144 13.03 -1.37 3.86
N ILE A 145 12.60 -2.12 4.88
CA ILE A 145 13.50 -2.42 5.99
C ILE A 145 14.58 -3.38 5.50
N ASN A 146 15.82 -3.04 5.80
CA ASN A 146 16.94 -3.86 5.36
C ASN A 146 16.93 -5.22 6.06
N THR A 147 17.59 -6.19 5.43
CA THR A 147 17.66 -7.53 5.98
C THR A 147 18.37 -7.54 7.34
N LYS A 148 19.41 -6.73 7.47
CA LYS A 148 20.20 -6.72 8.70
C LYS A 148 19.40 -6.25 9.91
N HIS A 149 18.30 -5.52 9.71
CA HIS A 149 17.51 -4.99 10.81
C HIS A 149 16.23 -5.79 11.05
N LEU A 150 16.24 -7.08 10.70
CA LEU A 150 15.10 -7.96 10.91
C LEU A 150 15.56 -9.26 11.55
N PRO A 151 14.72 -9.88 12.36
CA PRO A 151 15.07 -11.20 12.92
C PRO A 151 15.18 -12.25 11.83
N SER A 152 15.98 -13.28 12.11
CA SER A 152 16.20 -14.34 11.12
C SER A 152 14.92 -15.04 10.73
N THR A 153 13.93 -15.10 11.62
CA THR A 153 12.66 -15.73 11.29
C THR A 153 11.79 -14.83 10.41
N CYS A 154 11.91 -13.51 10.56
CA CYS A 154 11.10 -12.57 9.80
C CYS A 154 11.85 -12.09 8.55
N ARG A 155 12.24 -13.07 7.72
CA ARG A 155 12.91 -12.80 6.44
C ARG A 155 12.32 -13.77 5.42
N ASP A 156 11.27 -13.33 4.74
CA ASP A 156 10.58 -14.16 3.77
C ASP A 156 10.43 -13.42 2.44
N ASP A 157 10.52 -14.17 1.35
CA ASP A 157 10.39 -13.60 0.02
C ASP A 157 8.93 -13.65 -0.44
N SER A 158 8.62 -12.84 -1.45
CA SER A 158 7.27 -12.80 -1.99
C SER A 158 6.88 -14.09 -2.70
N SER A 159 7.85 -14.93 -3.03
CA SER A 159 7.60 -16.19 -3.72
C SER A 159 7.42 -17.37 -2.76
N ALA A 160 7.47 -17.13 -1.46
CA ALA A 160 7.33 -18.20 -0.49
C ALA A 160 5.91 -18.75 -0.51
N SER A 161 5.80 -20.07 -0.35
CA SER A 161 4.50 -20.73 -0.35
C SER A 161 4.55 -22.04 0.43
N GLN B 3 -27.63 -6.55 -21.33
CA GLN B 3 -26.72 -6.81 -20.23
C GLN B 3 -26.24 -5.51 -19.60
N LEU B 4 -25.37 -5.62 -18.60
CA LEU B 4 -24.84 -4.44 -17.93
C LEU B 4 -23.96 -3.64 -18.87
N GLN B 5 -24.17 -2.32 -18.90
CA GLN B 5 -23.39 -1.42 -19.74
C GLN B 5 -23.00 -0.20 -18.94
N LEU B 6 -21.77 0.25 -19.11
CA LEU B 6 -21.24 1.41 -18.40
C LEU B 6 -21.06 2.57 -19.38
N VAL B 7 -21.56 3.74 -18.98
CA VAL B 7 -21.48 4.95 -19.80
C VAL B 7 -20.81 6.04 -18.98
N GLU B 8 -19.79 6.67 -19.55
CA GLU B 8 -19.06 7.74 -18.89
C GLU B 8 -19.48 9.09 -19.45
N SER B 9 -19.24 10.14 -18.66
CA SER B 9 -19.59 11.49 -19.06
C SER B 9 -18.72 12.48 -18.30
N GLY B 10 -18.71 13.72 -18.78
CA GLY B 10 -17.97 14.78 -18.15
C GLY B 10 -16.66 15.15 -18.81
N GLY B 11 -16.34 14.56 -19.96
CA GLY B 11 -15.09 14.89 -20.63
C GLY B 11 -15.11 16.27 -21.24
N GLY B 12 -13.91 16.76 -21.55
CA GLY B 12 -13.78 18.08 -22.14
C GLY B 12 -12.35 18.57 -22.03
N LEU B 13 -12.19 19.88 -22.20
CA LEU B 13 -10.90 20.54 -22.14
C LEU B 13 -10.91 21.52 -20.97
N VAL B 14 -9.88 21.44 -20.13
CA VAL B 14 -9.76 22.30 -18.95
C VAL B 14 -8.34 22.85 -18.92
N GLN B 15 -8.22 24.15 -18.66
CA GLN B 15 -6.91 24.78 -18.57
C GLN B 15 -6.16 24.27 -17.35
N PRO B 16 -4.83 24.32 -17.37
CA PRO B 16 -4.05 23.85 -16.22
C PRO B 16 -4.41 24.61 -14.96
N GLY B 17 -4.40 23.89 -13.84
CA GLY B 17 -4.80 24.44 -12.56
C GLY B 17 -6.29 24.45 -12.31
N GLY B 18 -7.09 23.91 -13.21
CA GLY B 18 -8.53 23.89 -13.08
C GLY B 18 -9.04 22.64 -12.40
N SER B 19 -10.28 22.28 -12.71
CA SER B 19 -10.92 21.12 -12.11
C SER B 19 -11.90 20.51 -13.10
N LEU B 20 -12.21 19.23 -12.87
CA LEU B 20 -13.15 18.50 -13.72
C LEU B 20 -13.76 17.38 -12.90
N ARG B 21 -14.98 16.99 -13.28
CA ARG B 21 -15.71 15.93 -12.59
C ARG B 21 -16.24 14.94 -13.62
N LEU B 22 -16.04 13.65 -13.35
CA LEU B 22 -16.50 12.57 -14.21
C LEU B 22 -17.63 11.81 -13.54
N SER B 23 -18.27 10.92 -14.29
CA SER B 23 -19.39 10.15 -13.78
C SER B 23 -19.52 8.87 -14.59
N CYS B 24 -19.44 7.72 -13.93
CA CYS B 24 -19.65 6.43 -14.55
C CYS B 24 -20.93 5.83 -13.97
N ALA B 25 -21.95 5.67 -14.80
CA ALA B 25 -23.26 5.20 -14.36
C ALA B 25 -23.76 4.12 -15.30
N ALA B 26 -24.63 3.27 -14.76
CA ALA B 26 -25.25 2.19 -15.51
C ALA B 26 -26.76 2.40 -15.57
N SER B 27 -27.37 1.92 -16.65
CA SER B 27 -28.80 2.10 -16.89
C SER B 27 -29.50 0.75 -16.81
N GLY B 28 -30.55 0.68 -16.00
CA GLY B 28 -31.33 -0.52 -15.87
C GLY B 28 -30.77 -1.58 -14.93
N PHE B 29 -29.61 -1.33 -14.32
CA PHE B 29 -28.99 -2.29 -13.42
C PHE B 29 -28.46 -1.56 -12.20
N THR B 30 -28.35 -2.30 -11.11
CA THR B 30 -27.88 -1.76 -9.83
C THR B 30 -26.42 -2.13 -9.61
N LEU B 31 -25.61 -1.15 -9.23
CA LEU B 31 -24.20 -1.36 -8.95
C LEU B 31 -24.03 -1.27 -7.42
N ASP B 32 -24.23 -2.40 -6.75
CA ASP B 32 -24.07 -2.48 -5.30
C ASP B 32 -23.18 -3.63 -4.84
N GLN B 33 -23.03 -4.69 -5.64
CA GLN B 33 -22.15 -5.79 -5.31
C GLN B 33 -20.85 -5.75 -6.10
N TYR B 34 -20.55 -4.63 -6.75
CA TYR B 34 -19.37 -4.49 -7.59
C TYR B 34 -18.54 -3.31 -7.13
N ALA B 35 -17.23 -3.41 -7.33
CA ALA B 35 -16.30 -2.33 -7.05
C ALA B 35 -16.01 -1.58 -8.33
N ILE B 36 -16.10 -0.25 -8.28
CA ILE B 36 -15.92 0.61 -9.45
C ILE B 36 -14.51 1.15 -9.44
N GLY B 37 -13.82 1.00 -10.57
CA GLY B 37 -12.46 1.48 -10.70
C GLY B 37 -12.28 2.29 -11.96
N TRP B 38 -11.35 3.24 -11.90
CA TRP B 38 -11.05 4.13 -13.01
C TRP B 38 -9.67 3.82 -13.58
N PHE B 39 -9.60 3.76 -14.90
CA PHE B 39 -8.35 3.46 -15.60
C PHE B 39 -8.07 4.55 -16.62
N ARG B 40 -6.78 4.78 -16.87
CA ARG B 40 -6.33 5.82 -17.78
C ARG B 40 -5.29 5.27 -18.74
N GLN B 41 -5.42 5.62 -20.01
CA GLN B 41 -4.50 5.17 -21.06
C GLN B 41 -3.99 6.39 -21.81
N ALA B 42 -2.69 6.65 -21.70
CA ALA B 42 -2.08 7.76 -22.41
C ALA B 42 -1.86 7.40 -23.88
N PRO B 43 -1.82 8.41 -24.76
CA PRO B 43 -1.56 8.13 -26.18
C PRO B 43 -0.17 7.53 -26.37
N GLY B 44 -0.14 6.33 -26.93
CA GLY B 44 1.12 5.63 -27.13
C GLY B 44 1.68 4.96 -25.89
N LYS B 45 0.90 4.83 -24.83
CA LYS B 45 1.35 4.20 -23.60
C LYS B 45 0.32 3.19 -23.13
N GLU B 46 0.77 2.24 -22.31
CA GLU B 46 -0.10 1.18 -21.83
C GLU B 46 -1.10 1.73 -20.81
N ARG B 47 -2.22 1.02 -20.68
CA ARG B 47 -3.26 1.43 -19.74
C ARG B 47 -2.80 1.21 -18.30
N GLU B 48 -3.20 2.12 -17.42
CA GLU B 48 -2.84 2.04 -16.02
C GLU B 48 -4.07 2.34 -15.17
N GLY B 49 -3.92 2.24 -13.86
CA GLY B 49 -5.01 2.50 -12.93
C GLY B 49 -4.88 3.86 -12.28
N VAL B 50 -6.02 4.37 -11.80
CA VAL B 50 -6.07 5.68 -11.17
C VAL B 50 -6.62 5.56 -9.76
N SER B 51 -7.86 5.08 -9.63
CA SER B 51 -8.50 4.97 -8.33
C SER B 51 -9.49 3.81 -8.35
N CYS B 52 -9.88 3.37 -7.15
CA CYS B 52 -10.86 2.31 -7.00
C CYS B 52 -11.61 2.51 -5.69
N ILE B 53 -12.89 2.12 -5.69
CA ILE B 53 -13.75 2.26 -4.53
C ILE B 53 -14.44 0.93 -4.26
N SER B 54 -14.73 0.67 -2.99
CA SER B 54 -15.34 -0.58 -2.58
C SER B 54 -16.84 -0.56 -2.85
N SER B 55 -17.49 -1.70 -2.57
CA SER B 55 -18.93 -1.82 -2.81
C SER B 55 -19.72 -0.89 -1.91
N ARG B 56 -19.34 -0.79 -0.63
CA ARG B 56 -20.05 0.02 0.34
C ARG B 56 -19.43 1.39 0.56
N GLY B 57 -18.45 1.77 -0.26
CA GLY B 57 -17.87 3.10 -0.20
C GLY B 57 -17.14 3.42 1.09
N GLY B 58 -16.30 2.50 1.55
CA GLY B 58 -15.52 2.75 2.74
C GLY B 58 -14.03 2.54 2.51
N ALA B 59 -13.68 1.86 1.41
CA ALA B 59 -12.29 1.59 1.06
C ALA B 59 -11.95 2.34 -0.22
N THR B 60 -10.90 3.16 -0.16
CA THR B 60 -10.44 3.93 -1.31
C THR B 60 -8.93 3.84 -1.41
N ASN B 61 -8.43 3.85 -2.65
CA ASN B 61 -7.00 3.84 -2.91
C ASN B 61 -6.73 4.51 -4.24
N TYR B 62 -5.65 5.29 -4.31
CA TYR B 62 -5.29 6.04 -5.49
C TYR B 62 -3.87 5.68 -5.92
N ALA B 63 -3.49 6.16 -7.10
CA ALA B 63 -2.15 5.93 -7.62
C ALA B 63 -1.16 6.90 -6.98
N HIS B 64 0.13 6.62 -7.21
CA HIS B 64 1.18 7.44 -6.62
C HIS B 64 1.15 8.87 -7.19
N SER B 65 0.97 9.00 -8.50
CA SER B 65 1.03 10.32 -9.13
C SER B 65 -0.22 11.16 -8.86
N VAL B 66 -1.37 10.52 -8.65
CA VAL B 66 -2.62 11.23 -8.48
C VAL B 66 -3.05 11.37 -7.03
N LYS B 67 -2.25 10.87 -6.09
CA LYS B 67 -2.61 10.95 -4.68
C LYS B 67 -2.57 12.40 -4.21
N GLY B 68 -3.62 12.80 -3.48
CA GLY B 68 -3.73 14.14 -2.96
C GLY B 68 -4.47 15.12 -3.84
N ARG B 69 -4.66 14.79 -5.12
CA ARG B 69 -5.35 15.68 -6.05
C ARG B 69 -6.67 15.13 -6.55
N PHE B 70 -6.88 13.81 -6.50
CA PHE B 70 -8.11 13.19 -6.97
C PHE B 70 -8.93 12.70 -5.78
N THR B 71 -10.25 12.67 -5.98
CA THR B 71 -11.16 12.20 -4.95
C THR B 71 -12.26 11.38 -5.61
N ILE B 72 -12.58 10.24 -5.00
CA ILE B 72 -13.58 9.31 -5.53
C ILE B 72 -14.71 9.20 -4.50
N SER B 73 -15.95 9.26 -5.00
CA SER B 73 -17.13 9.16 -4.15
C SER B 73 -18.13 8.22 -4.79
N ARG B 74 -18.99 7.64 -3.96
CA ARG B 74 -19.98 6.66 -4.40
C ARG B 74 -21.33 7.00 -3.81
N ASP B 75 -22.38 6.86 -4.62
CA ASP B 75 -23.75 7.04 -4.19
C ASP B 75 -24.52 5.76 -4.46
N ASN B 76 -25.35 5.37 -3.49
CA ASN B 76 -26.11 4.12 -3.58
C ASN B 76 -27.56 4.32 -3.96
N ALA B 77 -28.14 5.47 -3.62
CA ALA B 77 -29.52 5.76 -4.06
C ALA B 77 -29.60 5.84 -5.57
N LYS B 78 -28.63 6.49 -6.21
CA LYS B 78 -28.52 6.53 -7.65
C LYS B 78 -27.25 5.78 -8.06
N ASN B 79 -27.38 4.88 -9.03
CA ASN B 79 -26.27 4.03 -9.46
C ASN B 79 -25.30 4.87 -10.28
N THR B 80 -24.45 5.62 -9.57
CA THR B 80 -23.45 6.46 -10.21
C THR B 80 -22.26 6.61 -9.28
N VAL B 81 -21.08 6.75 -9.87
CA VAL B 81 -19.83 6.93 -9.14
C VAL B 81 -19.15 8.19 -9.69
N TYR B 82 -18.73 9.07 -8.79
CA TYR B 82 -18.13 10.34 -9.15
C TYR B 82 -16.64 10.34 -8.88
N LEU B 83 -15.88 10.96 -9.78
CA LEU B 83 -14.43 11.12 -9.63
C LEU B 83 -14.11 12.60 -9.82
N GLN B 84 -13.61 13.24 -8.77
CA GLN B 84 -13.30 14.66 -8.80
C GLN B 84 -11.81 14.86 -9.09
N MET B 85 -11.51 15.72 -10.05
CA MET B 85 -10.14 16.00 -10.45
C MET B 85 -9.79 17.43 -10.08
N ASN B 86 -8.66 17.61 -9.39
CA ASN B 86 -8.19 18.92 -8.97
C ASN B 86 -6.71 19.07 -9.29
N SER B 87 -6.32 20.32 -9.58
CA SER B 87 -4.94 20.66 -9.91
C SER B 87 -4.43 19.84 -11.10
N LEU B 88 -5.10 20.04 -12.24
CA LEU B 88 -4.76 19.32 -13.46
C LEU B 88 -3.38 19.72 -13.96
N LYS B 89 -2.74 18.79 -14.66
CA LYS B 89 -1.41 18.97 -15.23
C LYS B 89 -1.42 18.49 -16.67
N PRO B 90 -0.51 18.98 -17.50
CA PRO B 90 -0.46 18.51 -18.90
C PRO B 90 -0.19 17.03 -19.03
N GLU B 91 0.47 16.41 -18.04
CA GLU B 91 0.79 15.00 -18.10
C GLU B 91 -0.43 14.11 -17.87
N ASP B 92 -1.56 14.68 -17.44
CA ASP B 92 -2.75 13.90 -17.15
C ASP B 92 -3.68 13.74 -18.35
N THR B 93 -3.29 14.24 -19.52
CA THR B 93 -4.13 14.12 -20.71
C THR B 93 -4.08 12.68 -21.22
N ALA B 94 -5.23 12.01 -21.21
CA ALA B 94 -5.33 10.62 -21.62
C ALA B 94 -6.80 10.26 -21.80
N VAL B 95 -7.06 8.99 -22.05
CA VAL B 95 -8.41 8.45 -22.19
C VAL B 95 -8.78 7.77 -20.87
N TYR B 96 -9.96 8.08 -20.35
CA TYR B 96 -10.40 7.58 -19.05
C TYR B 96 -11.47 6.53 -19.23
N TYR B 97 -11.33 5.44 -18.47
CA TYR B 97 -12.27 4.31 -18.51
C TYR B 97 -12.79 4.03 -17.11
N CYS B 98 -13.95 3.41 -17.04
CA CYS B 98 -14.53 2.95 -15.78
C CYS B 98 -14.91 1.48 -15.91
N ALA B 99 -14.64 0.72 -14.85
CA ALA B 99 -14.87 -0.72 -14.86
C ALA B 99 -15.50 -1.14 -13.54
N ALA B 100 -16.19 -2.28 -13.58
CA ALA B 100 -16.85 -2.85 -12.41
C ALA B 100 -16.36 -4.28 -12.19
N GLY B 101 -16.12 -4.64 -10.94
CA GLY B 101 -15.68 -5.98 -10.62
C GLY B 101 -15.24 -6.15 -9.18
N VAL B 102 -14.14 -6.88 -8.98
CA VAL B 102 -13.62 -7.15 -7.65
C VAL B 102 -12.69 -6.01 -7.24
N TYR B 103 -12.68 -5.71 -5.93
CA TYR B 103 -11.83 -4.65 -5.40
C TYR B 103 -10.37 -4.90 -5.73
N THR B 104 -9.69 -3.87 -6.23
CA THR B 104 -8.32 -3.99 -6.68
C THR B 104 -7.47 -2.86 -6.12
N ILE B 105 -6.17 -3.11 -6.00
CA ILE B 105 -5.19 -2.10 -5.63
C ILE B 105 -4.53 -1.63 -6.92
N VAL B 106 -4.57 -0.32 -7.16
CA VAL B 106 -4.10 0.25 -8.43
C VAL B 106 -2.58 0.29 -8.53
N THR B 107 -1.86 -0.19 -7.52
CA THR B 107 -0.40 -0.16 -7.55
C THR B 107 0.16 -1.58 -7.47
N GLY B 108 -0.44 -2.51 -8.21
CA GLY B 108 0.01 -3.89 -8.20
C GLY B 108 0.11 -4.44 -9.61
N THR B 109 0.60 -5.67 -9.69
CA THR B 109 0.79 -6.33 -10.99
C THR B 109 -0.55 -6.78 -11.54
N GLY B 110 -0.82 -6.41 -12.79
CA GLY B 110 -2.04 -6.79 -13.46
C GLY B 110 -3.30 -6.28 -12.79
N PRO B 111 -3.48 -4.94 -12.79
CA PRO B 111 -4.69 -4.38 -12.17
C PRO B 111 -5.98 -4.76 -12.89
N GLU B 112 -5.92 -5.15 -14.16
CA GLU B 112 -7.10 -5.44 -14.95
C GLU B 112 -7.60 -6.87 -14.78
N ASP B 113 -6.93 -7.69 -13.98
CA ASP B 113 -7.32 -9.08 -13.83
C ASP B 113 -8.57 -9.27 -12.98
N GLY B 114 -9.01 -8.25 -12.24
CA GLY B 114 -10.18 -8.35 -11.39
C GLY B 114 -11.44 -7.71 -11.91
N MET B 115 -11.47 -7.26 -13.16
CA MET B 115 -12.62 -6.59 -13.74
C MET B 115 -13.21 -7.41 -14.86
N ASP B 116 -14.54 -7.52 -14.88
CA ASP B 116 -15.25 -8.27 -15.91
C ASP B 116 -16.16 -7.42 -16.77
N TYR B 117 -16.27 -6.12 -16.50
CA TYR B 117 -17.07 -5.22 -17.30
C TYR B 117 -16.26 -3.96 -17.59
N TRP B 118 -16.50 -3.38 -18.77
CA TRP B 118 -15.72 -2.24 -19.23
C TRP B 118 -16.64 -1.23 -19.90
N GLY B 119 -16.12 -0.01 -20.08
CA GLY B 119 -16.85 1.06 -20.72
C GLY B 119 -16.14 1.55 -21.97
N LYS B 120 -16.87 2.34 -22.76
CA LYS B 120 -16.33 2.85 -24.01
C LYS B 120 -15.17 3.80 -23.77
N GLY B 121 -15.31 4.70 -22.82
CA GLY B 121 -14.25 5.64 -22.48
C GLY B 121 -14.56 7.04 -22.97
N THR B 122 -13.89 8.01 -22.34
CA THR B 122 -14.01 9.41 -22.69
C THR B 122 -12.63 10.04 -22.82
N LEU B 123 -12.56 11.11 -23.60
CA LEU B 123 -11.30 11.78 -23.91
C LEU B 123 -11.24 13.09 -23.12
N VAL B 124 -10.12 13.29 -22.42
CA VAL B 124 -9.87 14.50 -21.65
C VAL B 124 -8.53 15.07 -22.09
N THR B 125 -8.51 16.35 -22.44
CA THR B 125 -7.32 17.05 -22.90
C THR B 125 -7.03 18.25 -22.02
N VAL B 126 -5.78 18.38 -21.59
CA VAL B 126 -5.32 19.52 -20.80
C VAL B 126 -4.41 20.35 -21.69
N SER B 127 -4.75 21.63 -21.84
CA SER B 127 -3.99 22.53 -22.69
C SER B 127 -2.61 22.83 -22.10
#